data_4L01
#
_entry.id   4L01
#
_cell.length_a   47.288
_cell.length_b   80.557
_cell.length_c   76.555
_cell.angle_alpha   90.00
_cell.angle_beta   95.29
_cell.angle_gamma   90.00
#
_symmetry.space_group_name_H-M   'P 1 21 1'
#
loop_
_entity.id
_entity.type
_entity.pdbx_description
1 polymer 'Tyrosine-protein kinase JAK1'
2 water water
#
_entity_poly.entity_id   1
_entity_poly.type   'polypeptide(L)'
_entity_poly.pdbx_seq_one_letter_code
;GSTSAQEWQPVYPMSQLSFDRILKKDLVQGEHLGRGTRTHIYSGTLMDYKDDEGTSEEKKIKVILKVLDPSHRDISLAFF
EAASMMRQVSHKHIVYLYGVCFRDVENIMVEEFVEGGPLDLFMHRKSDVLTTPWKFKVAKQLASALSYLEDKDLVHGNVC
TKNLLLAREGIDSECGPFIKLSDPGIPITVLSRQECIERIPWIAPECVEDSKNLSVAADKWSFGTTLWEICYNGEIPLKD
KTLIEKERFYESRCRPVTPSCKELADLMTRCMNYDPNQRPFFRAIMRDINKLEEQNPDIVSEKK
;
_entity_poly.pdbx_strand_id   A,B
#
# COMPACT_ATOMS: atom_id res chain seq x y z
N GLN A 9 9.89 -1.35 -5.64
CA GLN A 9 8.69 -1.25 -4.76
C GLN A 9 7.73 -0.14 -5.23
N PRO A 10 6.44 -0.47 -5.39
CA PRO A 10 5.44 0.47 -5.90
C PRO A 10 5.36 1.76 -5.09
N VAL A 11 5.02 2.86 -5.76
CA VAL A 11 4.88 4.15 -5.12
C VAL A 11 3.43 4.60 -5.24
N TYR A 12 2.77 4.74 -4.08
CA TYR A 12 1.34 5.06 -4.02
C TYR A 12 0.47 4.21 -4.97
N PRO A 13 0.51 2.88 -4.80
CA PRO A 13 -0.21 1.96 -5.69
C PRO A 13 -1.73 2.19 -5.79
N MET A 14 -2.39 2.45 -4.65
CA MET A 14 -3.83 2.71 -4.63
CA MET A 14 -3.82 2.73 -4.62
C MET A 14 -4.16 3.96 -5.46
N SER A 15 -3.32 4.99 -5.35
CA SER A 15 -3.50 6.23 -6.11
C SER A 15 -3.39 5.95 -7.62
N GLN A 16 -2.44 5.10 -7.99
CA GLN A 16 -2.28 4.66 -9.39
C GLN A 16 -3.54 3.96 -9.90
N LEU A 17 -4.13 3.11 -9.06
CA LEU A 17 -5.32 2.34 -9.42
C LEU A 17 -6.51 3.21 -9.84
N SER A 18 -6.61 4.39 -9.23
CA SER A 18 -7.65 5.36 -9.56
CA SER A 18 -7.65 5.35 -9.55
C SER A 18 -7.64 5.74 -11.04
N PHE A 19 -6.45 5.70 -11.64
CA PHE A 19 -6.26 5.97 -13.08
C PHE A 19 -6.59 4.80 -13.99
N ASP A 20 -6.53 3.59 -13.45
CA ASP A 20 -6.91 2.39 -14.21
C ASP A 20 -8.43 2.29 -14.30
N ARG A 21 -9.12 3.38 -13.95
CA ARG A 21 -10.58 3.40 -13.87
C ARG A 21 -11.22 2.86 -15.15
N ILE A 22 -12.04 1.84 -14.99
CA ILE A 22 -12.82 1.30 -16.09
C ILE A 22 -14.25 1.81 -15.92
N LEU A 23 -14.78 2.41 -16.98
CA LEU A 23 -16.14 2.95 -16.93
C LEU A 23 -17.14 1.85 -17.23
N LYS A 24 -18.25 1.87 -16.51
CA LYS A 24 -19.33 0.90 -16.66
C LYS A 24 -19.82 0.75 -18.11
N LYS A 25 -19.78 1.85 -18.87
CA LYS A 25 -20.29 1.86 -20.25
C LYS A 25 -19.47 0.99 -21.23
N ASP A 26 -18.24 0.67 -20.84
CA ASP A 26 -17.35 -0.16 -21.66
C ASP A 26 -17.42 -1.64 -21.29
N LEU A 27 -18.36 -2.00 -20.42
CA LEU A 27 -18.50 -3.36 -19.93
C LEU A 27 -19.83 -4.01 -20.31
N VAL A 28 -19.78 -5.29 -20.67
CA VAL A 28 -20.99 -6.08 -20.87
C VAL A 28 -20.95 -7.22 -19.86
N GLN A 29 -22.01 -7.35 -19.06
CA GLN A 29 -22.10 -8.41 -18.08
C GLN A 29 -22.64 -9.70 -18.69
N GLY A 30 -21.88 -10.77 -18.52
CA GLY A 30 -22.28 -12.09 -19.00
C GLY A 30 -22.85 -12.93 -17.88
N GLU A 31 -22.79 -14.25 -18.03
CA GLU A 31 -23.41 -15.16 -17.09
C GLU A 31 -22.77 -15.17 -15.71
N HIS A 32 -23.60 -15.37 -14.69
CA HIS A 32 -23.14 -15.60 -13.33
C HIS A 32 -22.40 -16.94 -13.27
N LEU A 33 -21.15 -16.91 -12.81
CA LEU A 33 -20.29 -18.10 -12.78
C LEU A 33 -20.09 -18.67 -11.39
N GLY A 34 -20.14 -17.81 -10.38
CA GLY A 34 -19.85 -18.26 -9.02
C GLY A 34 -19.94 -17.16 -8.00
N ARG A 35 -19.57 -17.50 -6.77
CA ARG A 35 -19.72 -16.61 -5.64
C ARG A 35 -18.43 -16.67 -4.82
N GLY A 36 -18.08 -15.54 -4.21
CA GLY A 36 -17.01 -15.50 -3.24
C GLY A 36 -17.54 -14.83 -1.98
N THR A 37 -16.63 -14.49 -1.08
CA THR A 37 -17.00 -13.86 0.18
C THR A 37 -17.49 -12.45 -0.07
N ARG A 38 -18.81 -12.28 0.04
CA ARG A 38 -19.51 -11.02 -0.28
C ARG A 38 -19.31 -10.56 -1.73
N THR A 39 -19.03 -11.50 -2.62
CA THR A 39 -18.81 -11.16 -4.02
C THR A 39 -19.60 -12.08 -4.93
N HIS A 40 -19.86 -11.60 -6.14
CA HIS A 40 -20.38 -12.44 -7.20
C HIS A 40 -19.47 -12.35 -8.42
N ILE A 41 -19.27 -13.48 -9.09
CA ILE A 41 -18.36 -13.56 -10.22
C ILE A 41 -19.13 -13.79 -11.52
N TYR A 42 -18.83 -12.96 -12.52
CA TYR A 42 -19.45 -13.06 -13.85
C TYR A 42 -18.40 -13.12 -14.95
N SER A 43 -18.76 -13.77 -16.06
CA SER A 43 -18.05 -13.60 -17.30
CA SER A 43 -18.03 -13.59 -17.29
C SER A 43 -18.48 -12.27 -17.88
N GLY A 44 -17.68 -11.69 -18.78
CA GLY A 44 -18.04 -10.41 -19.34
C GLY A 44 -17.19 -10.02 -20.53
N THR A 45 -17.48 -8.83 -21.05
CA THR A 45 -16.75 -8.26 -22.18
CA THR A 45 -16.72 -8.27 -22.16
C THR A 45 -16.28 -6.84 -21.82
N LEU A 46 -15.04 -6.52 -22.16
CA LEU A 46 -14.51 -5.17 -22.01
C LEU A 46 -14.27 -4.59 -23.39
N MET A 47 -14.86 -3.43 -23.65
CA MET A 47 -14.79 -2.76 -24.95
C MET A 47 -13.67 -1.73 -24.99
N ASP A 48 -13.25 -1.35 -26.19
CA ASP A 48 -12.41 -0.16 -26.41
C ASP A 48 -13.27 1.09 -26.43
N LYS A 59 -13.63 -4.64 -31.69
CA LYS A 59 -12.62 -5.28 -30.85
C LYS A 59 -13.00 -5.29 -29.37
N LYS A 60 -12.91 -6.46 -28.76
CA LYS A 60 -13.30 -6.63 -27.37
C LYS A 60 -12.48 -7.73 -26.72
N ILE A 61 -12.39 -7.68 -25.39
CA ILE A 61 -11.69 -8.68 -24.60
C ILE A 61 -12.72 -9.43 -23.76
N LYS A 62 -12.61 -10.76 -23.70
CA LYS A 62 -13.38 -11.53 -22.74
C LYS A 62 -12.75 -11.35 -21.37
N VAL A 63 -13.58 -11.04 -20.37
CA VAL A 63 -13.09 -10.76 -19.02
C VAL A 63 -13.89 -11.48 -17.93
N ILE A 64 -13.30 -11.51 -16.74
CA ILE A 64 -13.99 -11.88 -15.52
C ILE A 64 -14.29 -10.60 -14.74
N LEU A 65 -15.53 -10.52 -14.22
CA LEU A 65 -15.95 -9.42 -13.37
C LEU A 65 -16.18 -9.95 -11.96
N LYS A 66 -15.44 -9.44 -10.99
CA LYS A 66 -15.73 -9.74 -9.60
C LYS A 66 -16.44 -8.55 -8.98
N VAL A 67 -17.71 -8.74 -8.65
CA VAL A 67 -18.56 -7.65 -8.19
C VAL A 67 -18.74 -7.72 -6.68
N LEU A 68 -18.32 -6.67 -5.98
CA LEU A 68 -18.51 -6.59 -4.54
C LEU A 68 -19.96 -6.24 -4.20
N ASP A 69 -20.57 -7.01 -3.29
CA ASP A 69 -21.90 -6.66 -2.75
C ASP A 69 -21.86 -5.25 -2.15
N PRO A 70 -23.01 -4.54 -2.15
CA PRO A 70 -23.05 -3.19 -1.55
C PRO A 70 -22.49 -3.20 -0.13
N SER A 71 -21.45 -2.40 0.12
CA SER A 71 -20.70 -2.49 1.37
C SER A 71 -20.41 -1.14 2.01
N HIS A 72 -20.07 -1.16 3.29
CA HIS A 72 -19.50 0.01 3.97
C HIS A 72 -18.16 0.39 3.34
N ARG A 73 -17.80 1.65 3.46
CA ARG A 73 -16.59 2.21 2.84
C ARG A 73 -15.28 1.50 3.22
N ASP A 74 -15.20 0.99 4.44
CA ASP A 74 -13.99 0.28 4.88
C ASP A 74 -13.81 -1.04 4.14
N ILE A 75 -14.92 -1.67 3.79
CA ILE A 75 -14.91 -2.91 3.03
C ILE A 75 -14.53 -2.65 1.57
N SER A 76 -15.20 -1.67 0.95
CA SER A 76 -14.89 -1.26 -0.43
C SER A 76 -13.41 -0.90 -0.59
N LEU A 77 -12.91 -0.09 0.34
CA LEU A 77 -11.50 0.29 0.38
C LEU A 77 -10.53 -0.90 0.44
N ALA A 78 -10.84 -1.88 1.29
CA ALA A 78 -10.03 -3.10 1.39
C ALA A 78 -10.08 -3.94 0.10
N PHE A 79 -11.29 -4.08 -0.46
CA PHE A 79 -11.49 -4.71 -1.78
C PHE A 79 -10.59 -4.05 -2.84
N PHE A 80 -10.57 -2.72 -2.84
CA PHE A 80 -9.70 -1.98 -3.77
C PHE A 80 -8.21 -2.18 -3.51
N GLU A 81 -7.82 -2.35 -2.25
CA GLU A 81 -6.42 -2.62 -1.93
C GLU A 81 -5.98 -3.98 -2.47
N ALA A 82 -6.88 -4.96 -2.40
CA ALA A 82 -6.61 -6.27 -2.99
C ALA A 82 -6.41 -6.15 -4.50
N ALA A 83 -7.28 -5.38 -5.14
CA ALA A 83 -7.19 -5.09 -6.56
C ALA A 83 -5.85 -4.42 -6.91
N SER A 84 -5.47 -3.41 -6.13
CA SER A 84 -4.22 -2.68 -6.30
C SER A 84 -3.03 -3.60 -6.24
N MET A 85 -3.03 -4.50 -5.26
CA MET A 85 -2.00 -5.52 -5.13
C MET A 85 -1.88 -6.33 -6.43
N MET A 86 -3.01 -6.81 -6.94
CA MET A 86 -3.03 -7.61 -8.17
C MET A 86 -2.53 -6.82 -9.38
N ARG A 87 -2.85 -5.53 -9.43
CA ARG A 87 -2.40 -4.65 -10.51
C ARG A 87 -0.89 -4.46 -10.50
N GLN A 88 -0.31 -4.42 -9.30
CA GLN A 88 1.13 -4.18 -9.15
C GLN A 88 1.99 -5.41 -9.45
N VAL A 89 1.48 -6.60 -9.14
CA VAL A 89 2.24 -7.83 -9.38
C VAL A 89 2.26 -8.24 -10.85
N SER A 90 3.35 -8.85 -11.27
CA SER A 90 3.46 -9.34 -12.64
C SER A 90 4.18 -10.67 -12.64
N HIS A 91 3.41 -11.75 -12.76
CA HIS A 91 3.93 -13.10 -12.72
C HIS A 91 3.09 -13.99 -13.63
N LYS A 92 3.74 -14.90 -14.36
CA LYS A 92 3.02 -15.71 -15.34
C LYS A 92 1.96 -16.64 -14.74
N HIS A 93 2.05 -16.91 -13.43
CA HIS A 93 1.08 -17.78 -12.75
C HIS A 93 0.14 -17.01 -11.82
N ILE A 94 -0.01 -15.71 -12.05
CA ILE A 94 -0.99 -14.89 -11.33
C ILE A 94 -1.86 -14.14 -12.33
N VAL A 95 -3.18 -14.25 -12.17
CA VAL A 95 -4.17 -13.59 -13.04
C VAL A 95 -3.89 -12.09 -13.23
N TYR A 96 -3.95 -11.63 -14.48
CA TYR A 96 -3.80 -10.22 -14.81
C TYR A 96 -5.09 -9.45 -14.51
N LEU A 97 -4.95 -8.28 -13.89
CA LEU A 97 -6.08 -7.43 -13.60
C LEU A 97 -6.02 -6.18 -14.48
N TYR A 98 -7.09 -5.95 -15.25
CA TYR A 98 -7.16 -4.80 -16.15
C TYR A 98 -7.40 -3.49 -15.42
N GLY A 99 -8.22 -3.54 -14.38
CA GLY A 99 -8.57 -2.35 -13.61
C GLY A 99 -9.82 -2.57 -12.79
N VAL A 100 -10.41 -1.47 -12.34
CA VAL A 100 -11.58 -1.53 -11.47
C VAL A 100 -12.65 -0.53 -11.89
N CYS A 101 -13.90 -0.93 -11.70
CA CYS A 101 -15.03 -0.01 -11.86
CA CYS A 101 -15.06 -0.03 -11.86
C CYS A 101 -15.41 0.53 -10.49
N PHE A 102 -15.32 1.85 -10.35
CA PHE A 102 -15.62 2.52 -9.08
C PHE A 102 -17.07 2.99 -9.05
N ARG A 103 -17.86 2.32 -8.22
CA ARG A 103 -19.23 2.75 -7.97
C ARG A 103 -19.57 2.39 -6.54
N ASP A 104 -19.88 3.41 -5.76
CA ASP A 104 -20.23 3.27 -4.34
C ASP A 104 -20.99 1.98 -4.00
N VAL A 105 -22.01 1.66 -4.80
CA VAL A 105 -22.84 0.48 -4.56
C VAL A 105 -22.50 -0.74 -5.43
N GLU A 106 -21.63 -0.56 -6.42
CA GLU A 106 -21.21 -1.66 -7.28
C GLU A 106 -19.74 -1.55 -7.72
N ASN A 107 -18.83 -1.94 -6.84
CA ASN A 107 -17.41 -1.94 -7.16
C ASN A 107 -17.01 -3.26 -7.82
N ILE A 108 -16.21 -3.18 -8.88
CA ILE A 108 -15.92 -4.32 -9.75
C ILE A 108 -14.43 -4.46 -10.07
N MET A 109 -13.87 -5.63 -9.85
CA MET A 109 -12.55 -5.99 -10.38
C MET A 109 -12.72 -6.54 -11.78
N VAL A 110 -11.91 -6.06 -12.73
CA VAL A 110 -11.98 -6.54 -14.11
C VAL A 110 -10.69 -7.29 -14.47
N GLU A 111 -10.80 -8.59 -14.68
CA GLU A 111 -9.64 -9.46 -14.88
C GLU A 111 -9.69 -10.21 -16.20
N GLU A 112 -8.53 -10.70 -16.66
CA GLU A 112 -8.46 -11.57 -17.84
C GLU A 112 -9.35 -12.80 -17.61
N PHE A 113 -9.89 -13.33 -18.70
CA PHE A 113 -10.67 -14.57 -18.65
C PHE A 113 -9.73 -15.75 -18.89
N VAL A 114 -9.69 -16.69 -17.95
CA VAL A 114 -8.87 -17.88 -18.08
C VAL A 114 -9.78 -19.05 -18.49
N GLU A 115 -9.56 -19.56 -19.70
CA GLU A 115 -10.51 -20.45 -20.39
C GLU A 115 -10.90 -21.72 -19.64
N GLY A 116 -9.93 -22.38 -19.02
CA GLY A 116 -10.15 -23.67 -18.39
C GLY A 116 -10.94 -23.66 -17.09
N GLY A 117 -11.19 -22.47 -16.55
CA GLY A 117 -12.00 -22.31 -15.35
C GLY A 117 -11.32 -22.77 -14.07
N PRO A 118 -12.09 -22.86 -12.96
CA PRO A 118 -11.53 -23.17 -11.64
C PRO A 118 -11.00 -24.60 -11.57
N LEU A 119 -9.89 -24.76 -10.87
CA LEU A 119 -9.22 -26.05 -10.76
C LEU A 119 -10.03 -27.07 -9.96
N ASP A 120 -10.77 -26.62 -8.95
CA ASP A 120 -11.57 -27.53 -8.13
C ASP A 120 -12.62 -28.26 -8.98
N LEU A 121 -13.30 -27.52 -9.84
CA LEU A 121 -14.30 -28.09 -10.75
C LEU A 121 -13.65 -29.04 -11.76
N PHE A 122 -12.50 -28.63 -12.30
CA PHE A 122 -11.77 -29.45 -13.26
C PHE A 122 -11.37 -30.78 -12.67
N MET A 123 -10.73 -30.73 -11.49
CA MET A 123 -10.27 -31.94 -10.83
C MET A 123 -11.40 -32.90 -10.51
N HIS A 124 -12.58 -32.36 -10.16
CA HIS A 124 -13.79 -33.15 -9.90
CA HIS A 124 -13.74 -33.19 -9.88
C HIS A 124 -14.19 -33.98 -11.11
N ARG A 125 -14.27 -33.33 -12.27
CA ARG A 125 -14.75 -34.02 -13.48
C ARG A 125 -13.68 -34.88 -14.15
N LYS A 126 -12.41 -34.56 -13.90
CA LYS A 126 -11.29 -35.26 -14.53
C LYS A 126 -10.49 -36.13 -13.57
N SER A 127 -11.04 -36.40 -12.38
CA SER A 127 -10.32 -37.14 -11.34
C SER A 127 -9.78 -38.49 -11.78
N ASP A 128 -10.51 -39.15 -12.70
CA ASP A 128 -10.12 -40.46 -13.20
C ASP A 128 -8.90 -40.47 -14.13
N VAL A 129 -8.52 -39.30 -14.65
CA VAL A 129 -7.39 -39.20 -15.59
C VAL A 129 -6.22 -38.33 -15.10
N LEU A 130 -6.33 -37.74 -13.90
CA LEU A 130 -5.22 -36.96 -13.33
C LEU A 130 -4.03 -37.87 -13.01
N THR A 131 -2.82 -37.38 -13.27
CA THR A 131 -1.59 -38.15 -13.02
C THR A 131 -0.70 -37.50 -11.95
N THR A 132 0.25 -38.26 -11.42
CA THR A 132 1.21 -37.72 -10.43
C THR A 132 1.98 -36.50 -10.91
N PRO A 133 2.60 -36.55 -12.12
CA PRO A 133 3.35 -35.37 -12.58
C PRO A 133 2.45 -34.16 -12.83
N TRP A 134 1.22 -34.41 -13.27
CA TRP A 134 0.23 -33.33 -13.46
C TRP A 134 0.00 -32.59 -12.15
N LYS A 135 -0.23 -33.34 -11.07
CA LYS A 135 -0.49 -32.76 -9.75
C LYS A 135 0.72 -32.02 -9.20
N PHE A 136 1.90 -32.60 -9.41
CA PHE A 136 3.15 -32.01 -8.96
C PHE A 136 3.45 -30.68 -9.68
N LYS A 137 3.15 -30.65 -10.98
CA LYS A 137 3.35 -29.43 -11.77
C LYS A 137 2.49 -28.27 -11.27
N VAL A 138 1.23 -28.57 -10.94
CA VAL A 138 0.31 -27.58 -10.36
C VAL A 138 0.88 -27.01 -9.06
N ALA A 139 1.32 -27.90 -8.17
CA ALA A 139 1.94 -27.50 -6.90
C ALA A 139 3.14 -26.58 -7.12
N LYS A 140 4.00 -26.95 -8.07
CA LYS A 140 5.22 -26.23 -8.35
C LYS A 140 4.92 -24.81 -8.87
N GLN A 141 3.97 -24.71 -9.80
CA GLN A 141 3.55 -23.43 -10.37
C GLN A 141 2.97 -22.49 -9.31
N LEU A 142 2.19 -23.04 -8.38
CA LEU A 142 1.62 -22.24 -7.29
C LEU A 142 2.73 -21.77 -6.35
N ALA A 143 3.64 -22.69 -6.02
CA ALA A 143 4.80 -22.35 -5.18
C ALA A 143 5.59 -21.21 -5.81
N SER A 144 5.72 -21.23 -7.14
CA SER A 144 6.44 -20.20 -7.88
CA SER A 144 6.45 -20.19 -7.86
C SER A 144 5.77 -18.84 -7.72
N ALA A 145 4.44 -18.82 -7.85
CA ALA A 145 3.65 -17.59 -7.66
C ALA A 145 3.77 -17.06 -6.24
N LEU A 146 3.68 -17.96 -5.25
CA LEU A 146 3.76 -17.55 -3.85
C LEU A 146 5.15 -17.11 -3.43
N SER A 147 6.17 -17.74 -4.01
CA SER A 147 7.57 -17.30 -3.87
C SER A 147 7.74 -15.84 -4.34
N TYR A 148 7.11 -15.52 -5.46
CA TYR A 148 7.14 -14.17 -6.01
C TYR A 148 6.48 -13.18 -5.05
N LEU A 149 5.31 -13.53 -4.52
CA LEU A 149 4.62 -12.68 -3.54
C LEU A 149 5.43 -12.50 -2.27
N GLU A 150 6.05 -13.59 -1.82
CA GLU A 150 6.91 -13.57 -0.62
C GLU A 150 8.11 -12.63 -0.81
N ASP A 151 8.72 -12.68 -2.00
CA ASP A 151 9.80 -11.76 -2.37
C ASP A 151 9.41 -10.29 -2.24
N LYS A 152 8.15 -9.99 -2.57
CA LYS A 152 7.62 -8.64 -2.56
C LYS A 152 6.97 -8.28 -1.22
N ASP A 153 7.05 -9.20 -0.25
CA ASP A 153 6.44 -9.02 1.08
C ASP A 153 4.92 -8.83 1.01
N LEU A 154 4.29 -9.53 0.07
CA LEU A 154 2.87 -9.39 -0.16
C LEU A 154 2.13 -10.64 0.32
N VAL A 155 0.93 -10.42 0.86
CA VAL A 155 0.07 -11.49 1.36
C VAL A 155 -1.16 -11.62 0.46
N HIS A 156 -1.50 -12.85 0.09
CA HIS A 156 -2.72 -13.11 -0.69
C HIS A 156 -3.91 -13.30 0.24
N GLY A 157 -3.94 -14.44 0.94
CA GLY A 157 -4.96 -14.69 1.96
C GLY A 157 -6.20 -15.46 1.48
N ASN A 158 -6.23 -15.82 0.20
CA ASN A 158 -7.33 -16.63 -0.32
C ASN A 158 -6.85 -17.71 -1.30
N VAL A 159 -5.72 -18.33 -0.96
CA VAL A 159 -5.14 -19.41 -1.78
C VAL A 159 -5.91 -20.71 -1.56
N CYS A 160 -6.50 -21.22 -2.64
CA CYS A 160 -7.29 -22.47 -2.64
C CYS A 160 -7.53 -22.85 -4.10
N THR A 161 -7.90 -24.11 -4.38
CA THR A 161 -8.04 -24.54 -5.78
C THR A 161 -9.17 -23.87 -6.55
N LYS A 162 -10.21 -23.46 -5.84
CA LYS A 162 -11.30 -22.67 -6.41
C LYS A 162 -10.76 -21.34 -6.98
N ASN A 163 -9.68 -20.84 -6.38
CA ASN A 163 -9.00 -19.63 -6.83
C ASN A 163 -7.77 -19.87 -7.72
N LEU A 164 -7.64 -21.10 -8.21
CA LEU A 164 -6.63 -21.45 -9.21
C LEU A 164 -7.33 -21.74 -10.52
N LEU A 165 -6.92 -21.04 -11.58
CA LEU A 165 -7.57 -21.17 -12.87
C LEU A 165 -6.66 -21.85 -13.91
N LEU A 166 -7.24 -22.73 -14.73
CA LEU A 166 -6.49 -23.48 -15.72
C LEU A 166 -6.39 -22.78 -17.07
N ALA A 167 -5.20 -22.27 -17.39
CA ALA A 167 -4.94 -21.67 -18.69
C ALA A 167 -4.69 -22.75 -19.74
N ARG A 168 -4.14 -23.87 -19.31
CA ARG A 168 -3.86 -25.02 -20.17
C ARG A 168 -4.17 -26.27 -19.35
N GLU A 169 -4.97 -27.18 -19.91
CA GLU A 169 -5.41 -28.35 -19.15
C GLU A 169 -4.30 -29.38 -18.91
N GLY A 170 -3.54 -29.67 -19.97
CA GLY A 170 -2.35 -30.51 -19.85
C GLY A 170 -2.60 -31.99 -19.57
N ILE A 171 -3.76 -32.50 -19.93
CA ILE A 171 -4.00 -33.94 -19.86
C ILE A 171 -3.38 -34.60 -21.10
N ASP A 172 -3.80 -34.12 -22.28
CA ASP A 172 -3.34 -34.69 -23.56
C ASP A 172 -2.20 -33.88 -24.16
N CYS A 175 3.93 -31.04 -22.21
CA CYS A 175 3.06 -29.87 -22.25
C CYS A 175 1.95 -30.00 -21.21
N GLY A 176 2.35 -29.84 -19.94
CA GLY A 176 1.46 -30.09 -18.81
C GLY A 176 0.45 -28.99 -18.55
N PRO A 177 -0.09 -28.94 -17.31
CA PRO A 177 -1.07 -27.92 -16.98
C PRO A 177 -0.41 -26.55 -16.82
N PHE A 178 -1.21 -25.49 -16.93
CA PHE A 178 -0.73 -24.14 -16.64
C PHE A 178 -1.80 -23.42 -15.81
N ILE A 179 -1.47 -23.09 -14.58
CA ILE A 179 -2.43 -22.43 -13.67
C ILE A 179 -2.16 -20.95 -13.46
N LYS A 180 -3.19 -20.23 -13.06
CA LYS A 180 -3.07 -18.82 -12.69
C LYS A 180 -3.82 -18.57 -11.37
N LEU A 181 -3.14 -17.97 -10.41
CA LEU A 181 -3.73 -17.61 -9.13
C LEU A 181 -4.59 -16.34 -9.25
N SER A 182 -5.87 -16.47 -8.90
CA SER A 182 -6.83 -15.36 -8.93
C SER A 182 -6.60 -14.35 -7.80
N ASP A 183 -7.43 -13.31 -7.73
CA ASP A 183 -7.30 -12.28 -6.71
C ASP A 183 -7.75 -12.76 -5.32
N PRO A 184 -7.33 -12.04 -4.26
CA PRO A 184 -7.68 -12.41 -2.87
C PRO A 184 -9.13 -12.12 -2.47
N GLY A 185 -9.84 -11.32 -3.24
CA GLY A 185 -11.14 -10.79 -2.81
C GLY A 185 -10.94 -9.84 -1.65
N ILE A 186 -11.95 -9.71 -0.79
CA ILE A 186 -11.83 -8.87 0.42
C ILE A 186 -10.72 -9.41 1.32
N PRO A 187 -9.71 -8.56 1.65
CA PRO A 187 -8.62 -8.99 2.53
C PRO A 187 -9.11 -9.45 3.91
N ILE A 188 -8.48 -10.52 4.41
CA ILE A 188 -8.77 -11.09 5.74
C ILE A 188 -8.81 -10.01 6.83
N THR A 189 -7.95 -9.01 6.67
CA THR A 189 -7.86 -7.86 7.57
C THR A 189 -9.22 -7.35 8.08
N VAL A 190 -10.19 -7.25 7.16
CA VAL A 190 -11.49 -6.67 7.48
C VAL A 190 -12.65 -7.67 7.51
N LEU A 191 -12.35 -8.96 7.34
CA LEU A 191 -13.39 -9.99 7.43
C LEU A 191 -13.87 -10.19 8.88
N SER A 192 -15.13 -10.61 9.05
CA SER A 192 -15.68 -10.92 10.36
C SER A 192 -15.10 -12.23 10.89
N ARG A 193 -15.20 -12.44 12.20
CA ARG A 193 -14.69 -13.68 12.78
C ARG A 193 -15.39 -14.89 12.15
N GLN A 194 -16.70 -14.78 11.90
CA GLN A 194 -17.44 -15.87 11.27
C GLN A 194 -16.91 -16.20 9.87
N GLU A 195 -16.62 -15.16 9.09
CA GLU A 195 -16.05 -15.33 7.76
C GLU A 195 -14.65 -15.97 7.81
N CYS A 196 -13.88 -15.64 8.83
CA CYS A 196 -12.57 -16.29 9.03
C CYS A 196 -12.73 -17.78 9.38
N ILE A 197 -13.64 -18.08 10.31
CA ILE A 197 -13.96 -19.47 10.67
C ILE A 197 -14.48 -20.30 9.48
N GLU A 198 -15.30 -19.68 8.65
CA GLU A 198 -15.81 -20.32 7.43
C GLU A 198 -14.68 -20.77 6.51
N ARG A 199 -13.56 -20.05 6.55
CA ARG A 199 -12.41 -20.34 5.68
C ARG A 199 -11.50 -21.47 6.17
N ILE A 200 -11.76 -21.97 7.39
CA ILE A 200 -11.06 -23.15 7.92
C ILE A 200 -11.38 -24.35 7.00
N PRO A 201 -10.36 -25.16 6.64
CA PRO A 201 -8.98 -25.17 7.11
C PRO A 201 -7.94 -24.50 6.19
N TRP A 202 -8.37 -23.66 5.27
CA TRP A 202 -7.45 -22.91 4.41
C TRP A 202 -6.79 -21.75 5.14
N ILE A 203 -7.55 -21.10 6.02
CA ILE A 203 -7.06 -19.91 6.72
C ILE A 203 -6.07 -20.28 7.83
N ALA A 204 -4.97 -19.54 7.93
CA ALA A 204 -4.00 -19.76 9.00
C ALA A 204 -4.66 -19.56 10.37
N PRO A 205 -4.35 -20.46 11.34
CA PRO A 205 -5.03 -20.41 12.64
C PRO A 205 -4.85 -19.10 13.39
N GLU A 206 -3.69 -18.45 13.25
CA GLU A 206 -3.46 -17.15 13.89
C GLU A 206 -4.44 -16.06 13.42
N CYS A 207 -4.95 -16.20 12.19
CA CYS A 207 -5.92 -15.23 11.65
C CYS A 207 -7.34 -15.45 12.20
N VAL A 208 -7.63 -16.69 12.59
CA VAL A 208 -8.89 -17.02 13.27
C VAL A 208 -8.88 -16.42 14.68
N GLU A 209 -7.74 -16.54 15.36
CA GLU A 209 -7.54 -15.92 16.66
C GLU A 209 -7.74 -14.41 16.59
N ASP A 210 -7.16 -13.78 15.57
CA ASP A 210 -7.30 -12.34 15.34
C ASP A 210 -6.87 -12.04 13.92
N SER A 211 -7.75 -11.42 13.14
CA SER A 211 -7.45 -11.01 11.77
C SER A 211 -6.21 -10.12 11.64
N LYS A 212 -5.88 -9.40 12.72
CA LYS A 212 -4.69 -8.55 12.76
C LYS A 212 -3.40 -9.35 12.64
N ASN A 213 -3.48 -10.66 12.90
CA ASN A 213 -2.32 -11.54 12.81
C ASN A 213 -1.93 -11.90 11.36
N LEU A 214 -2.70 -11.43 10.39
CA LEU A 214 -2.40 -11.67 8.98
C LEU A 214 -0.97 -11.25 8.64
N SER A 215 -0.25 -12.12 7.97
CA SER A 215 1.14 -11.86 7.59
C SER A 215 1.47 -12.75 6.40
N VAL A 216 2.67 -12.58 5.85
CA VAL A 216 3.13 -13.41 4.73
C VAL A 216 3.07 -14.90 5.09
N ALA A 217 3.35 -15.22 6.35
CA ALA A 217 3.31 -16.62 6.81
C ALA A 217 1.95 -17.31 6.58
N ALA A 218 0.86 -16.52 6.56
CA ALA A 218 -0.50 -17.07 6.39
C ALA A 218 -0.67 -17.88 5.11
N ASP A 219 -0.01 -17.44 4.03
CA ASP A 219 -0.12 -18.14 2.75
C ASP A 219 0.56 -19.50 2.73
N LYS A 220 1.54 -19.72 3.61
CA LYS A 220 2.15 -21.05 3.75
C LYS A 220 1.14 -22.09 4.21
N TRP A 221 0.38 -21.76 5.25
CA TRP A 221 -0.66 -22.66 5.75
C TRP A 221 -1.66 -22.99 4.63
N SER A 222 -2.14 -21.94 3.96
CA SER A 222 -3.11 -22.07 2.86
C SER A 222 -2.60 -22.94 1.71
N PHE A 223 -1.33 -22.79 1.38
CA PHE A 223 -0.68 -23.62 0.37
C PHE A 223 -0.74 -25.08 0.77
N GLY A 224 -0.50 -25.37 2.05
CA GLY A 224 -0.65 -26.73 2.59
C GLY A 224 -2.03 -27.33 2.34
N THR A 225 -3.08 -26.57 2.67
CA THR A 225 -4.46 -27.03 2.45
C THR A 225 -4.79 -27.18 0.97
N THR A 226 -4.18 -26.31 0.16
CA THR A 226 -4.33 -26.37 -1.29
C THR A 226 -3.71 -27.67 -1.83
N LEU A 227 -2.55 -28.05 -1.30
CA LEU A 227 -1.94 -29.33 -1.65
C LEU A 227 -2.84 -30.50 -1.29
N TRP A 228 -3.48 -30.42 -0.11
CA TRP A 228 -4.45 -31.43 0.31
C TRP A 228 -5.56 -31.60 -0.74
N GLU A 229 -6.12 -30.50 -1.20
CA GLU A 229 -7.16 -30.51 -2.23
C GLU A 229 -6.69 -31.18 -3.50
N ILE A 230 -5.46 -30.84 -3.91
CA ILE A 230 -4.86 -31.40 -5.11
C ILE A 230 -4.72 -32.93 -4.99
N CYS A 231 -4.23 -33.39 -3.84
CA CYS A 231 -4.09 -34.83 -3.59
C CYS A 231 -5.43 -35.55 -3.64
N TYR A 232 -6.46 -34.89 -3.11
CA TYR A 232 -7.80 -35.47 -3.06
C TYR A 232 -8.74 -35.01 -4.18
N ASN A 233 -8.16 -34.63 -5.33
CA ASN A 233 -8.92 -34.30 -6.55
C ASN A 233 -10.03 -33.27 -6.39
N GLY A 234 -9.73 -32.19 -5.68
CA GLY A 234 -10.68 -31.10 -5.49
C GLY A 234 -11.74 -31.34 -4.44
N GLU A 235 -11.65 -32.46 -3.71
CA GLU A 235 -12.51 -32.70 -2.56
C GLU A 235 -12.39 -31.53 -1.58
N ILE A 236 -13.53 -31.05 -1.07
CA ILE A 236 -13.55 -29.99 -0.05
C ILE A 236 -13.20 -30.59 1.32
N PRO A 237 -12.08 -30.13 1.93
CA PRO A 237 -11.76 -30.63 3.27
C PRO A 237 -12.74 -30.08 4.31
N LEU A 238 -13.12 -30.93 5.27
CA LEU A 238 -14.09 -30.58 6.32
C LEU A 238 -15.43 -30.13 5.74
N LYS A 239 -15.80 -30.68 4.58
CA LYS A 239 -17.08 -30.37 3.97
C LYS A 239 -18.18 -30.87 4.90
N ASP A 240 -19.28 -30.13 5.00
CA ASP A 240 -20.37 -30.53 5.90
C ASP A 240 -20.09 -30.30 7.39
N LYS A 241 -18.89 -29.81 7.75
CA LYS A 241 -18.63 -29.46 9.14
C LYS A 241 -19.20 -28.08 9.43
N THR A 242 -19.85 -27.95 10.57
CA THR A 242 -20.38 -26.67 11.05
C THR A 242 -19.24 -25.72 11.41
N LEU A 243 -19.54 -24.44 11.54
CA LEU A 243 -18.57 -23.44 12.01
C LEU A 243 -18.05 -23.79 13.40
N ILE A 244 -18.95 -24.27 14.26
CA ILE A 244 -18.57 -24.70 15.61
C ILE A 244 -17.50 -25.80 15.51
N GLU A 245 -17.75 -26.81 14.68
CA GLU A 245 -16.81 -27.91 14.47
C GLU A 245 -15.47 -27.43 13.89
N LYS A 246 -15.54 -26.53 12.91
CA LYS A 246 -14.32 -25.97 12.33
C LYS A 246 -13.47 -25.23 13.36
N GLU A 247 -14.11 -24.41 14.19
CA GLU A 247 -13.40 -23.69 15.25
C GLU A 247 -12.75 -24.67 16.25
N ARG A 248 -13.47 -25.73 16.60
CA ARG A 248 -12.96 -26.80 17.48
C ARG A 248 -11.75 -27.52 16.87
N PHE A 249 -11.78 -27.69 15.56
CA PHE A 249 -10.68 -28.30 14.79
C PHE A 249 -9.34 -27.59 15.04
N TYR A 250 -9.35 -26.26 15.01
CA TYR A 250 -8.14 -25.48 15.29
C TYR A 250 -7.86 -25.39 16.79
N GLU A 251 -8.91 -25.25 17.59
CA GLU A 251 -8.82 -25.28 19.06
C GLU A 251 -8.03 -26.51 19.51
N SER A 252 -8.35 -27.68 18.94
CA SER A 252 -7.70 -28.93 19.28
C SER A 252 -6.40 -29.17 18.50
N ARG A 253 -6.03 -28.18 17.68
CA ARG A 253 -4.77 -28.21 16.91
C ARG A 253 -4.65 -29.40 15.95
N CYS A 254 -5.69 -29.63 15.17
CA CYS A 254 -5.74 -30.73 14.20
C CYS A 254 -5.27 -30.29 12.82
N ARG A 255 -5.05 -31.28 11.94
CA ARG A 255 -4.74 -31.07 10.53
C ARG A 255 -5.63 -31.99 9.71
N PRO A 256 -5.90 -31.63 8.42
CA PRO A 256 -6.63 -32.57 7.56
C PRO A 256 -5.82 -33.86 7.40
N VAL A 257 -6.52 -34.97 7.13
CA VAL A 257 -5.91 -36.30 7.04
C VAL A 257 -4.75 -36.34 6.03
N THR A 258 -3.70 -37.09 6.37
CA THR A 258 -2.49 -37.19 5.55
C THR A 258 -2.78 -37.84 4.20
N PRO A 259 -2.46 -37.13 3.09
CA PRO A 259 -2.62 -37.72 1.76
C PRO A 259 -1.63 -38.86 1.53
N SER A 260 -1.97 -39.77 0.62
CA SER A 260 -1.12 -40.92 0.28
C SER A 260 0.20 -40.51 -0.35
N CYS A 261 0.19 -39.45 -1.16
CA CYS A 261 1.40 -38.97 -1.82
C CYS A 261 2.33 -38.37 -0.78
N LYS A 262 3.43 -39.09 -0.49
CA LYS A 262 4.36 -38.68 0.56
C LYS A 262 5.01 -37.32 0.28
N GLU A 263 5.40 -37.10 -0.97
CA GLU A 263 6.05 -35.85 -1.37
C GLU A 263 5.19 -34.63 -1.07
N LEU A 264 3.93 -34.68 -1.48
CA LEU A 264 3.02 -33.57 -1.22
C LEU A 264 2.54 -33.53 0.25
N ALA A 265 2.34 -34.70 0.85
CA ALA A 265 1.97 -34.78 2.27
C ALA A 265 3.03 -34.13 3.15
N ASP A 266 4.31 -34.41 2.85
CA ASP A 266 5.43 -33.89 3.63
C ASP A 266 5.53 -32.37 3.54
N LEU A 267 5.31 -31.82 2.35
CA LEU A 267 5.24 -30.38 2.16
C LEU A 267 4.06 -29.79 2.93
N MET A 268 2.91 -30.46 2.84
CA MET A 268 1.70 -30.01 3.52
C MET A 268 1.93 -29.90 5.03
N THR A 269 2.52 -30.95 5.61
CA THR A 269 2.79 -31.00 7.05
C THR A 269 3.70 -29.87 7.51
N ARG A 270 4.81 -29.65 6.81
CA ARG A 270 5.75 -28.56 7.13
C ARG A 270 5.08 -27.18 7.06
N CYS A 271 4.22 -27.00 6.07
CA CYS A 271 3.52 -25.74 5.89
C CYS A 271 2.42 -25.50 6.92
N MET A 272 1.79 -26.57 7.38
CA MET A 272 0.67 -26.46 8.31
C MET A 272 1.16 -26.53 9.76
N ASN A 273 2.16 -25.72 10.05
CA ASN A 273 2.67 -25.55 11.40
C ASN A 273 1.86 -24.48 12.11
N TYR A 274 1.43 -24.77 13.35
CA TYR A 274 0.65 -23.81 14.12
C TYR A 274 1.45 -22.54 14.50
N ASP A 275 2.77 -22.67 14.56
CA ASP A 275 3.67 -21.51 14.70
C ASP A 275 4.01 -20.95 13.32
N PRO A 276 3.49 -19.74 13.00
CA PRO A 276 3.74 -19.14 11.69
C PRO A 276 5.23 -19.03 11.34
N ASN A 277 6.04 -18.71 12.35
CA ASN A 277 7.48 -18.54 12.20
C ASN A 277 8.21 -19.80 11.74
N GLN A 278 7.59 -20.96 11.94
CA GLN A 278 8.23 -22.23 11.61
C GLN A 278 7.86 -22.81 10.24
N ARG A 279 6.98 -22.12 9.52
CA ARG A 279 6.61 -22.53 8.17
C ARG A 279 7.74 -22.14 7.23
N PRO A 280 8.21 -23.09 6.40
CA PRO A 280 9.39 -22.82 5.57
C PRO A 280 9.12 -21.77 4.50
N PHE A 281 10.14 -20.98 4.15
CA PHE A 281 10.01 -19.99 3.08
C PHE A 281 9.69 -20.68 1.76
N PHE A 282 8.97 -19.98 0.87
CA PHE A 282 8.69 -20.53 -0.44
C PHE A 282 9.92 -20.74 -1.31
N ARG A 283 10.94 -19.91 -1.09
CA ARG A 283 12.24 -20.12 -1.71
C ARG A 283 12.81 -21.48 -1.35
N ALA A 284 12.68 -21.87 -0.08
CA ALA A 284 13.11 -23.19 0.38
C ALA A 284 12.22 -24.29 -0.19
N ILE A 285 10.91 -24.03 -0.22
CA ILE A 285 9.96 -25.00 -0.79
C ILE A 285 10.28 -25.26 -2.27
N MET A 286 10.56 -24.19 -3.01
CA MET A 286 10.95 -24.31 -4.44
C MET A 286 12.23 -25.11 -4.62
N ARG A 287 13.21 -24.89 -3.75
CA ARG A 287 14.46 -25.66 -3.74
C ARG A 287 14.15 -27.14 -3.52
N ASP A 288 13.31 -27.43 -2.53
CA ASP A 288 12.91 -28.80 -2.21
C ASP A 288 12.16 -29.48 -3.35
N ILE A 289 11.28 -28.71 -4.01
CA ILE A 289 10.53 -29.20 -5.17
C ILE A 289 11.46 -29.56 -6.33
N ASN A 290 12.46 -28.71 -6.60
CA ASN A 290 13.42 -28.97 -7.67
C ASN A 290 14.35 -30.14 -7.35
N LYS A 291 14.68 -30.31 -6.07
CA LYS A 291 15.46 -31.46 -5.62
C LYS A 291 14.75 -32.79 -5.90
N LEU A 292 13.43 -32.81 -5.65
CA LEU A 292 12.60 -34.00 -5.89
C LEU A 292 12.52 -34.34 -7.36
N GLU A 293 12.59 -33.32 -8.21
CA GLU A 293 12.45 -33.46 -9.66
C GLU A 293 13.70 -34.09 -10.30
N GLU A 294 14.83 -34.01 -9.62
CA GLU A 294 16.07 -34.63 -10.06
C GLU A 294 15.99 -36.15 -10.01
N GLN B 9 7.49 -4.61 7.37
CA GLN B 9 6.69 -4.45 6.12
C GLN B 9 5.20 -4.74 6.35
N PRO B 10 4.35 -3.70 6.38
CA PRO B 10 2.93 -3.87 6.72
C PRO B 10 2.10 -4.62 5.68
N VAL B 11 1.05 -5.26 6.16
CA VAL B 11 0.19 -6.11 5.37
C VAL B 11 -1.15 -5.39 5.19
N TYR B 12 -1.56 -5.16 3.94
CA TYR B 12 -2.78 -4.41 3.61
C TYR B 12 -2.94 -3.20 4.53
N PRO B 13 -1.98 -2.25 4.47
CA PRO B 13 -2.00 -1.10 5.38
C PRO B 13 -3.27 -0.24 5.27
N MET B 14 -3.77 0.00 4.07
N MET B 14 -3.75 -0.01 4.07
CA MET B 14 -4.97 0.83 3.88
CA MET B 14 -4.95 0.80 3.85
C MET B 14 -6.23 0.16 4.46
C MET B 14 -6.19 0.15 4.47
N SER B 15 -6.28 -1.17 4.38
CA SER B 15 -7.37 -1.94 4.99
C SER B 15 -7.36 -1.76 6.51
N GLN B 16 -6.17 -1.61 7.09
CA GLN B 16 -5.99 -1.43 8.54
C GLN B 16 -6.60 -0.13 9.07
N LEU B 17 -6.76 0.87 8.20
CA LEU B 17 -7.43 2.12 8.58
C LEU B 17 -8.85 1.93 9.10
N SER B 18 -9.48 0.82 8.72
CA SER B 18 -10.78 0.42 9.25
C SER B 18 -10.80 0.37 10.77
N PHE B 19 -9.65 0.05 11.37
CA PHE B 19 -9.52 0.04 12.81
C PHE B 19 -9.26 1.42 13.41
N ASP B 20 -8.98 2.40 12.55
CA ASP B 20 -8.70 3.77 13.00
C ASP B 20 -9.80 4.76 12.61
N ARG B 21 -11.01 4.25 12.35
CA ARG B 21 -12.13 5.11 12.01
C ARG B 21 -12.59 5.90 13.23
N ILE B 22 -12.74 7.20 13.02
CA ILE B 22 -13.21 8.11 14.05
C ILE B 22 -14.57 8.64 13.63
N LEU B 23 -15.52 8.58 14.56
CA LEU B 23 -16.86 9.08 14.31
C LEU B 23 -16.89 10.60 14.29
N LYS B 24 -17.59 11.14 13.30
CA LYS B 24 -17.74 12.59 13.12
C LYS B 24 -18.31 13.25 14.38
N LYS B 25 -19.19 12.55 15.10
CA LYS B 25 -19.79 13.08 16.33
C LYS B 25 -18.80 13.18 17.50
N ASP B 26 -17.60 12.60 17.36
CA ASP B 26 -16.57 12.71 18.39
C ASP B 26 -15.56 13.83 18.09
N LEU B 27 -15.74 14.47 16.94
CA LEU B 27 -14.88 15.60 16.55
C LEU B 27 -15.63 16.92 16.75
N VAL B 28 -14.91 17.91 17.27
CA VAL B 28 -15.42 19.28 17.32
C VAL B 28 -14.52 20.15 16.45
N GLN B 29 -15.09 20.69 15.38
CA GLN B 29 -14.34 21.51 14.43
C GLN B 29 -13.99 22.86 15.03
N GLY B 30 -12.71 23.21 15.00
CA GLY B 30 -12.26 24.53 15.44
C GLY B 30 -12.26 25.50 14.29
N GLU B 31 -11.18 26.25 14.14
CA GLU B 31 -11.09 27.26 13.08
C GLU B 31 -10.37 26.76 11.83
N HIS B 32 -10.83 27.24 10.68
CA HIS B 32 -10.16 27.04 9.40
C HIS B 32 -8.83 27.81 9.45
N LEU B 33 -7.74 27.08 9.29
CA LEU B 33 -6.40 27.65 9.42
C LEU B 33 -5.76 27.95 8.07
N GLY B 34 -6.18 27.22 7.05
CA GLY B 34 -5.66 27.43 5.71
C GLY B 34 -5.93 26.26 4.80
N ARG B 35 -5.25 26.25 3.67
CA ARG B 35 -5.44 25.25 2.64
C ARG B 35 -4.13 24.58 2.24
N GLY B 36 -4.20 23.29 1.94
CA GLY B 36 -3.15 22.58 1.23
C GLY B 36 -3.64 22.41 -0.19
N THR B 37 -3.02 21.52 -0.96
CA THR B 37 -3.48 21.24 -2.32
C THR B 37 -4.76 20.40 -2.26
N ARG B 38 -5.87 21.00 -2.70
CA ARG B 38 -7.21 20.36 -2.69
C ARG B 38 -7.73 20.03 -1.29
N THR B 39 -7.13 20.61 -0.26
CA THR B 39 -7.49 20.28 1.11
C THR B 39 -7.64 21.52 1.98
N HIS B 40 -8.27 21.33 3.13
CA HIS B 40 -8.44 22.37 4.13
C HIS B 40 -7.79 21.93 5.42
N ILE B 41 -7.26 22.88 6.18
CA ILE B 41 -6.67 22.59 7.49
C ILE B 41 -7.49 23.28 8.59
N TYR B 42 -7.92 22.51 9.59
CA TYR B 42 -8.66 23.05 10.75
C TYR B 42 -8.00 22.66 12.05
N SER B 43 -8.07 23.54 13.05
CA SER B 43 -7.84 23.14 14.42
C SER B 43 -9.10 22.41 14.89
N GLY B 44 -8.99 21.66 15.98
CA GLY B 44 -10.15 20.97 16.52
C GLY B 44 -9.85 20.15 17.75
N THR B 45 -10.87 19.42 18.19
CA THR B 45 -10.79 18.63 19.40
C THR B 45 -11.42 17.27 19.13
N LEU B 46 -10.76 16.22 19.62
CA LEU B 46 -11.27 14.86 19.56
C LEU B 46 -11.75 14.44 20.95
N MET B 47 -13.01 14.05 21.05
CA MET B 47 -13.62 13.56 22.30
C MET B 47 -13.24 12.12 22.58
N ASP B 48 -13.07 11.80 23.86
CA ASP B 48 -12.75 10.45 24.31
C ASP B 48 -13.82 9.46 23.86
N LYS B 59 -12.62 13.21 28.87
CA LYS B 59 -11.51 14.09 28.50
C LYS B 59 -11.36 14.25 26.98
N LYS B 60 -10.43 15.10 26.56
CA LYS B 60 -10.32 15.45 25.15
C LYS B 60 -8.89 15.81 24.75
N ILE B 61 -8.61 15.75 23.44
CA ILE B 61 -7.28 16.04 22.88
CA ILE B 61 -7.29 16.13 22.93
C ILE B 61 -7.39 17.10 21.77
N LYS B 62 -6.42 18.02 21.72
CA LYS B 62 -6.29 18.93 20.59
C LYS B 62 -5.89 18.12 19.37
N VAL B 63 -6.50 18.41 18.22
CA VAL B 63 -6.13 17.75 16.97
C VAL B 63 -5.99 18.77 15.85
N ILE B 64 -5.35 18.35 14.76
CA ILE B 64 -5.40 19.08 13.50
C ILE B 64 -6.20 18.21 12.55
N LEU B 65 -7.16 18.82 11.85
CA LEU B 65 -7.98 18.11 10.88
C LEU B 65 -7.56 18.49 9.45
N LYS B 66 -7.25 17.48 8.64
CA LYS B 66 -7.04 17.69 7.20
C LYS B 66 -8.29 17.18 6.47
N VAL B 67 -8.98 18.08 5.80
CA VAL B 67 -10.25 17.76 5.17
C VAL B 67 -10.11 17.90 3.66
N LEU B 68 -10.37 16.80 2.95
CA LEU B 68 -10.36 16.82 1.49
C LEU B 68 -11.53 17.67 1.01
N ASP B 69 -11.25 18.62 0.13
CA ASP B 69 -12.33 19.44 -0.41
C ASP B 69 -13.37 18.56 -1.12
N PRO B 70 -14.67 18.75 -0.81
CA PRO B 70 -15.77 17.95 -1.38
C PRO B 70 -15.80 17.89 -2.90
N SER B 71 -15.26 18.89 -3.58
CA SER B 71 -15.20 18.90 -5.05
C SER B 71 -14.22 17.86 -5.59
N HIS B 72 -13.32 17.43 -4.72
CA HIS B 72 -12.28 16.45 -5.06
C HIS B 72 -12.52 15.11 -4.37
N ARG B 73 -13.79 14.82 -4.07
CA ARG B 73 -14.20 13.55 -3.46
C ARG B 73 -13.79 12.34 -4.32
N ASP B 74 -13.61 12.59 -5.62
CA ASP B 74 -13.20 11.56 -6.58
C ASP B 74 -11.77 11.02 -6.38
N ILE B 75 -10.92 11.76 -5.64
CA ILE B 75 -9.57 11.27 -5.35
C ILE B 75 -9.37 10.93 -3.86
N SER B 76 -10.45 10.50 -3.21
CA SER B 76 -10.39 10.21 -1.78
C SER B 76 -9.47 9.03 -1.47
N LEU B 77 -9.39 8.08 -2.39
CA LEU B 77 -8.51 6.92 -2.22
C LEU B 77 -7.04 7.33 -2.13
N ALA B 78 -6.64 8.30 -2.96
CA ALA B 78 -5.27 8.85 -2.89
C ALA B 78 -5.05 9.63 -1.60
N PHE B 79 -6.06 10.42 -1.21
CA PHE B 79 -6.06 11.17 0.04
C PHE B 79 -5.79 10.22 1.22
N PHE B 80 -6.53 9.11 1.26
CA PHE B 80 -6.36 8.15 2.34
C PHE B 80 -5.10 7.28 2.24
N GLU B 81 -4.54 7.16 1.04
CA GLU B 81 -3.26 6.44 0.89
C GLU B 81 -2.16 7.21 1.61
N ALA B 82 -2.21 8.54 1.47
CA ALA B 82 -1.31 9.42 2.23
C ALA B 82 -1.50 9.24 3.73
N ALA B 83 -2.76 9.17 4.16
CA ALA B 83 -3.09 8.95 5.57
C ALA B 83 -2.53 7.61 6.03
N SER B 84 -2.69 6.58 5.20
CA SER B 84 -2.21 5.24 5.51
C SER B 84 -0.71 5.22 5.72
N MET B 85 0.05 5.89 4.86
CA MET B 85 1.50 5.98 5.00
CA MET B 85 1.49 5.97 5.00
C MET B 85 1.89 6.54 6.37
N MET B 86 1.22 7.63 6.77
CA MET B 86 1.49 8.26 8.07
C MET B 86 1.11 7.35 9.23
N ARG B 87 0.03 6.59 9.07
CA ARG B 87 -0.39 5.63 10.08
C ARG B 87 0.63 4.51 10.32
N GLN B 88 1.25 4.02 9.25
CA GLN B 88 2.20 2.91 9.34
CA GLN B 88 2.21 2.90 9.32
C GLN B 88 3.58 3.34 9.82
N VAL B 89 3.87 4.63 9.72
CA VAL B 89 5.15 5.21 10.15
C VAL B 89 5.18 5.44 11.66
N SER B 90 6.31 5.14 12.29
CA SER B 90 6.51 5.48 13.70
C SER B 90 7.89 6.08 13.96
N HIS B 91 7.95 7.41 14.01
CA HIS B 91 9.21 8.13 14.17
C HIS B 91 8.96 9.41 14.95
N LYS B 92 9.87 9.73 15.88
CA LYS B 92 9.70 10.87 16.78
C LYS B 92 9.56 12.22 16.05
N HIS B 93 10.10 12.30 14.85
CA HIS B 93 10.07 13.54 14.06
C HIS B 93 9.07 13.48 12.90
N ILE B 94 8.07 12.63 13.03
CA ILE B 94 6.98 12.56 12.05
C ILE B 94 5.64 12.60 12.80
N VAL B 95 4.77 13.52 12.37
CA VAL B 95 3.46 13.76 12.98
C VAL B 95 2.63 12.48 13.14
N TYR B 96 2.04 12.31 14.32
CA TYR B 96 1.18 11.16 14.61
C TYR B 96 -0.22 11.34 14.03
N LEU B 97 -0.74 10.30 13.40
CA LEU B 97 -2.10 10.28 12.89
C LEU B 97 -2.99 9.42 13.78
N TYR B 98 -3.99 10.06 14.41
CA TYR B 98 -4.93 9.34 15.27
C TYR B 98 -5.90 8.44 14.50
N GLY B 99 -6.35 8.91 13.34
CA GLY B 99 -7.29 8.14 12.53
C GLY B 99 -7.91 8.95 11.42
N VAL B 100 -8.98 8.40 10.85
CA VAL B 100 -9.66 9.00 9.69
C VAL B 100 -11.18 8.93 9.83
N CYS B 101 -11.87 9.77 9.05
CA CYS B 101 -13.33 9.71 8.95
C CYS B 101 -13.75 9.44 7.50
N PHE B 102 -14.47 8.33 7.30
CA PHE B 102 -15.20 8.06 6.05
C PHE B 102 -16.65 8.49 6.24
N ARG B 103 -17.34 8.80 5.13
CA ARG B 103 -18.70 9.35 5.13
C ARG B 103 -18.74 10.81 5.60
N VAL B 105 -20.05 11.73 3.05
CA VAL B 105 -19.54 12.82 2.23
C VAL B 105 -18.15 13.31 2.68
N GLU B 106 -17.93 13.37 3.98
CA GLU B 106 -16.70 13.93 4.54
C GLU B 106 -15.51 12.96 4.46
N ASN B 107 -14.34 13.52 4.16
CA ASN B 107 -13.08 12.77 4.12
C ASN B 107 -12.04 13.52 4.96
N ILE B 108 -11.70 12.96 6.12
CA ILE B 108 -10.90 13.69 7.11
C ILE B 108 -9.73 12.86 7.65
N MET B 109 -8.57 13.50 7.76
CA MET B 109 -7.43 12.96 8.51
C MET B 109 -7.43 13.63 9.88
N VAL B 110 -7.23 12.83 10.93
CA VAL B 110 -7.18 13.38 12.30
C VAL B 110 -5.76 13.21 12.84
N GLU B 111 -5.08 14.32 13.05
CA GLU B 111 -3.66 14.33 13.42
C GLU B 111 -3.44 14.99 14.76
N GLU B 112 -2.34 14.64 15.42
CA GLU B 112 -1.93 15.33 16.64
C GLU B 112 -1.71 16.81 16.35
N PHE B 113 -1.97 17.65 17.35
CA PHE B 113 -1.73 19.07 17.23
C PHE B 113 -0.33 19.41 17.72
N VAL B 114 0.48 19.98 16.85
CA VAL B 114 1.84 20.39 17.21
C VAL B 114 1.85 21.91 17.49
N GLU B 115 2.02 22.25 18.76
CA GLU B 115 1.79 23.62 19.28
C GLU B 115 2.46 24.79 18.58
N GLY B 116 3.72 24.62 18.20
CA GLY B 116 4.52 25.72 17.65
C GLY B 116 4.15 26.08 16.22
N GLY B 117 3.45 25.17 15.54
CA GLY B 117 2.99 25.40 14.18
C GLY B 117 4.08 25.32 13.13
N PRO B 118 3.77 25.78 11.91
CA PRO B 118 4.64 25.66 10.75
C PRO B 118 5.97 26.39 10.94
N LEU B 119 7.05 25.75 10.50
CA LEU B 119 8.40 26.29 10.67
C LEU B 119 8.65 27.54 9.82
N ASP B 120 8.05 27.60 8.63
CA ASP B 120 8.22 28.74 7.72
C ASP B 120 7.81 30.07 8.37
N LEU B 121 6.61 30.09 8.96
CA LEU B 121 6.09 31.26 9.65
C LEU B 121 6.92 31.62 10.88
N PHE B 122 7.39 30.61 11.61
CA PHE B 122 8.23 30.83 12.78
C PHE B 122 9.57 31.49 12.42
N MET B 123 10.20 30.98 11.38
CA MET B 123 11.49 31.50 10.92
C MET B 123 11.37 32.93 10.36
N HIS B 124 10.24 33.23 9.72
CA HIS B 124 9.92 34.60 9.29
C HIS B 124 9.92 35.55 10.48
N ARG B 125 9.21 35.14 11.53
CA ARG B 125 8.96 35.97 12.70
C ARG B 125 10.19 36.07 13.61
N LYS B 126 10.97 35.00 13.69
CA LYS B 126 12.10 34.94 14.62
C LYS B 126 13.47 34.98 13.94
N SER B 127 13.51 35.47 12.70
CA SER B 127 14.74 35.47 11.90
C SER B 127 15.95 36.13 12.57
N ASP B 128 15.68 37.16 13.39
CA ASP B 128 16.72 37.91 14.10
C ASP B 128 17.44 37.11 15.20
N VAL B 129 16.80 36.04 15.69
CA VAL B 129 17.33 35.30 16.83
C VAL B 129 17.66 33.83 16.52
N LEU B 130 17.56 33.43 15.26
CA LEU B 130 17.95 32.07 14.86
C LEU B 130 19.48 31.95 14.81
N THR B 131 20.00 30.85 15.36
CA THR B 131 21.44 30.60 15.37
C THR B 131 21.78 29.44 14.43
N THR B 132 23.06 29.29 14.11
CA THR B 132 23.49 28.20 13.24
C THR B 132 23.33 26.82 13.89
N PRO B 133 23.70 26.68 15.19
CA PRO B 133 23.43 25.41 15.89
C PRO B 133 21.96 25.02 15.88
N TRP B 134 21.07 26.01 15.99
CA TRP B 134 19.62 25.81 15.93
C TRP B 134 19.23 25.24 14.57
N LYS B 135 19.76 25.85 13.51
CA LYS B 135 19.48 25.43 12.14
C LYS B 135 19.99 24.02 11.84
N PHE B 136 21.17 23.69 12.36
CA PHE B 136 21.76 22.36 12.20
C PHE B 136 20.91 21.26 12.83
N LYS B 137 20.35 21.54 14.02
CA LYS B 137 19.47 20.58 14.70
C LYS B 137 18.20 20.31 13.89
N VAL B 138 17.58 21.37 13.39
CA VAL B 138 16.39 21.25 12.53
C VAL B 138 16.72 20.36 11.32
N ALA B 139 17.84 20.66 10.67
CA ALA B 139 18.28 19.92 9.49
C ALA B 139 18.52 18.43 9.79
N LYS B 140 19.21 18.14 10.91
CA LYS B 140 19.49 16.76 11.31
C LYS B 140 18.23 15.98 11.60
N GLN B 141 17.28 16.62 12.29
CA GLN B 141 16.02 15.97 12.65
C GLN B 141 15.19 15.59 11.43
N LEU B 142 15.14 16.48 10.44
CA LEU B 142 14.44 16.18 9.18
C LEU B 142 15.13 15.06 8.41
N ALA B 143 16.47 15.11 8.37
CA ALA B 143 17.26 14.07 7.71
C ALA B 143 17.02 12.70 8.36
N SER B 144 16.87 12.69 9.69
CA SER B 144 16.57 11.45 10.42
C SER B 144 15.21 10.89 10.02
N ALA B 145 14.20 11.77 9.99
CA ALA B 145 12.86 11.39 9.57
C ALA B 145 12.87 10.81 8.15
N LEU B 146 13.55 11.47 7.23
CA LEU B 146 13.58 11.00 5.84
C LEU B 146 14.45 9.76 5.64
N SER B 147 15.44 9.58 6.50
CA SER B 147 16.23 8.35 6.53
C SER B 147 15.33 7.15 6.87
N TYR B 148 14.46 7.33 7.86
CA TYR B 148 13.51 6.32 8.28
C TYR B 148 12.55 5.93 7.14
N LEU B 149 12.01 6.95 6.45
CA LEU B 149 11.14 6.72 5.29
C LEU B 149 11.85 5.95 4.18
N GLU B 150 13.11 6.32 3.93
CA GLU B 150 13.94 5.69 2.91
C GLU B 150 14.13 4.19 3.21
N ASP B 151 14.45 3.88 4.46
CA ASP B 151 14.61 2.50 4.92
C ASP B 151 13.35 1.68 4.67
N LYS B 152 12.20 2.34 4.77
CA LYS B 152 10.89 1.70 4.61
C LYS B 152 10.36 1.76 3.17
N ASP B 153 11.17 2.29 2.25
CA ASP B 153 10.77 2.47 0.83
C ASP B 153 9.53 3.34 0.64
N LEU B 154 9.34 4.30 1.54
CA LEU B 154 8.19 5.20 1.48
C LEU B 154 8.59 6.56 0.92
N VAL B 155 7.71 7.14 0.10
CA VAL B 155 7.93 8.46 -0.49
C VAL B 155 6.99 9.44 0.19
N HIS B 156 7.51 10.61 0.57
CA HIS B 156 6.67 11.67 1.10
C HIS B 156 6.12 12.53 -0.05
N GLY B 157 6.97 13.35 -0.67
CA GLY B 157 6.57 14.15 -1.83
C GLY B 157 6.09 15.56 -1.53
N ASN B 158 6.06 15.92 -0.24
CA ASN B 158 5.69 17.29 0.16
C ASN B 158 6.57 17.84 1.27
N VAL B 159 7.88 17.57 1.17
CA VAL B 159 8.85 18.06 2.14
C VAL B 159 9.17 19.53 1.85
N CYS B 160 8.90 20.39 2.83
CA CYS B 160 9.14 21.83 2.77
C CYS B 160 8.93 22.38 4.19
N THR B 161 9.42 23.58 4.50
CA THR B 161 9.33 24.11 5.88
C THR B 161 7.90 24.41 6.33
N LYS B 162 7.01 24.69 5.37
CA LYS B 162 5.58 24.84 5.64
C LYS B 162 5.01 23.55 6.26
N ASN B 163 5.56 22.40 5.84
CA ASN B 163 5.12 21.09 6.33
C ASN B 163 5.95 20.54 7.49
N LEU B 164 6.82 21.37 8.05
CA LEU B 164 7.53 21.03 9.28
C LEU B 164 6.91 21.81 10.42
N LEU B 165 6.57 21.11 11.50
CA LEU B 165 5.87 21.72 12.63
C LEU B 165 6.73 21.71 13.88
N LEU B 166 6.71 22.81 14.62
CA LEU B 166 7.56 22.95 15.81
C LEU B 166 6.90 22.47 17.09
N ALA B 167 7.40 21.38 17.65
CA ALA B 167 6.90 20.89 18.93
C ALA B 167 7.62 21.63 20.06
N ARG B 168 8.85 22.03 19.78
CA ARG B 168 9.66 22.78 20.74
C ARG B 168 10.43 23.83 19.95
N GLU B 169 10.27 25.09 20.35
CA GLU B 169 10.84 26.21 19.60
C GLU B 169 12.37 26.29 19.73
N GLY B 170 12.88 26.02 20.92
CA GLY B 170 14.32 25.90 21.15
C GLY B 170 15.14 27.17 21.09
N ILE B 171 14.49 28.31 21.34
CA ILE B 171 15.20 29.59 21.44
C ILE B 171 15.68 29.82 22.87
N ASP B 172 16.96 30.16 23.00
CA ASP B 172 17.58 30.51 24.29
C ASP B 172 17.47 29.40 25.35
N SER B 173 17.47 28.15 24.90
CA SER B 173 17.37 27.00 25.80
C SER B 173 18.37 25.92 25.41
N GLU B 174 18.75 25.10 26.39
CA GLU B 174 19.72 24.04 26.18
C GLU B 174 19.16 22.86 25.36
N CYS B 175 17.84 22.70 25.38
CA CYS B 175 17.18 21.57 24.72
C CYS B 175 17.14 21.68 23.19
N GLY B 176 17.14 22.91 22.67
CA GLY B 176 17.10 23.13 21.23
C GLY B 176 15.74 22.84 20.61
N PRO B 177 15.61 23.02 19.28
CA PRO B 177 14.31 22.84 18.60
C PRO B 177 13.93 21.36 18.42
N PHE B 178 12.63 21.11 18.22
CA PHE B 178 12.14 19.77 17.93
C PHE B 178 11.07 19.92 16.86
N ILE B 179 11.31 19.36 15.68
CA ILE B 179 10.36 19.42 14.58
C ILE B 179 9.67 18.08 14.30
N LYS B 180 8.48 18.15 13.70
CA LYS B 180 7.77 16.98 13.20
C LYS B 180 7.28 17.24 11.78
N LEU B 181 7.53 16.29 10.89
CA LEU B 181 7.12 16.38 9.50
C LEU B 181 5.66 15.99 9.37
N SER B 182 4.86 16.86 8.76
CA SER B 182 3.42 16.63 8.58
C SER B 182 3.18 15.61 7.45
N ASP B 183 1.92 15.36 7.12
CA ASP B 183 1.55 14.39 6.10
C ASP B 183 1.88 14.93 4.70
N PRO B 184 1.88 14.06 3.67
CA PRO B 184 2.20 14.53 2.32
C PRO B 184 1.07 15.27 1.61
N GLY B 185 -0.14 15.23 2.16
CA GLY B 185 -1.31 15.73 1.44
C GLY B 185 -1.60 14.78 0.29
N ILE B 186 -2.23 15.32 -0.75
CA ILE B 186 -2.53 14.55 -1.96
C ILE B 186 -1.23 14.15 -2.67
N PRO B 187 -1.04 12.83 -2.91
CA PRO B 187 0.19 12.32 -3.54
C PRO B 187 0.43 12.91 -4.92
N ILE B 188 1.70 13.18 -5.22
CA ILE B 188 2.14 13.70 -6.52
C ILE B 188 1.56 12.87 -7.67
N THR B 189 1.43 11.57 -7.42
CA THR B 189 0.84 10.59 -8.35
C THR B 189 -0.46 11.05 -9.03
N VAL B 190 -1.31 11.78 -8.30
CA VAL B 190 -2.60 12.22 -8.87
C VAL B 190 -2.71 13.72 -9.13
N LEU B 191 -1.64 14.46 -8.89
CA LEU B 191 -1.64 15.92 -9.11
C LEU B 191 -1.56 16.27 -10.59
N SER B 192 -2.20 17.38 -10.98
CA SER B 192 -2.11 17.89 -12.36
C SER B 192 -0.72 18.48 -12.64
N ARG B 193 -0.41 18.66 -13.92
CA ARG B 193 0.86 19.26 -14.31
C ARG B 193 1.03 20.65 -13.67
N GLN B 194 -0.06 21.42 -13.65
CA GLN B 194 -0.06 22.78 -13.08
C GLN B 194 0.26 22.77 -11.59
N GLU B 195 -0.33 21.81 -10.87
CA GLU B 195 -0.08 21.65 -9.44
C GLU B 195 1.36 21.25 -9.15
N CYS B 196 1.93 20.41 -10.01
CA CYS B 196 3.35 20.04 -9.92
C CYS B 196 4.26 21.23 -10.19
N ILE B 197 3.96 21.98 -11.25
CA ILE B 197 4.72 23.19 -11.57
C ILE B 197 4.69 24.18 -10.40
N GLU B 198 3.53 24.28 -9.75
CA GLU B 198 3.37 25.15 -8.59
C GLU B 198 4.35 24.83 -7.45
N ARG B 199 4.76 23.56 -7.37
CA ARG B 199 5.63 23.09 -6.29
C ARG B 199 7.14 23.27 -6.59
N ILE B 200 7.46 23.77 -7.79
CA ILE B 200 8.85 24.13 -8.12
C ILE B 200 9.28 25.28 -7.19
N PRO B 201 10.51 25.24 -6.63
CA PRO B 201 11.59 24.27 -6.84
C PRO B 201 11.73 23.17 -5.77
N TRP B 202 10.66 22.89 -5.02
CA TRP B 202 10.68 21.79 -4.04
C TRP B 202 10.53 20.44 -4.70
N ILE B 203 9.69 20.38 -5.74
CA ILE B 203 9.37 19.13 -6.42
C ILE B 203 10.52 18.69 -7.30
N ALA B 204 10.84 17.39 -7.26
CA ALA B 204 11.89 16.81 -8.11
C ALA B 204 11.53 16.99 -9.60
N PRO B 205 12.52 17.39 -10.44
CA PRO B 205 12.23 17.73 -11.84
C PRO B 205 11.62 16.58 -12.63
N GLU B 206 11.99 15.33 -12.30
CA GLU B 206 11.42 14.17 -13.01
C GLU B 206 9.91 14.07 -12.82
N CYS B 207 9.42 14.55 -11.68
CA CYS B 207 8.00 14.54 -11.37
C CYS B 207 7.21 15.60 -12.13
N VAL B 208 7.87 16.70 -12.48
CA VAL B 208 7.27 17.73 -13.34
C VAL B 208 7.13 17.18 -14.77
N GLU B 209 8.12 16.39 -15.19
CA GLU B 209 8.08 15.72 -16.48
C GLU B 209 6.93 14.71 -16.54
N ASP B 210 6.84 13.87 -15.52
CA ASP B 210 5.79 12.87 -15.43
C ASP B 210 5.65 12.42 -13.98
N SER B 211 4.45 12.59 -13.44
CA SER B 211 4.17 12.20 -12.05
C SER B 211 4.42 10.70 -11.81
N LYS B 212 4.42 9.92 -12.88
CA LYS B 212 4.76 8.50 -12.81
C LYS B 212 6.20 8.25 -12.37
N ASN B 213 7.04 9.29 -12.44
CA ASN B 213 8.45 9.21 -12.05
C ASN B 213 8.69 9.34 -10.54
N LEU B 214 7.63 9.59 -9.77
CA LEU B 214 7.76 9.73 -8.31
C LEU B 214 8.43 8.50 -7.69
N SER B 215 9.44 8.76 -6.87
CA SER B 215 10.23 7.69 -6.24
C SER B 215 10.84 8.24 -4.96
N VAL B 216 11.46 7.38 -4.16
CA VAL B 216 12.12 7.79 -2.92
C VAL B 216 13.16 8.89 -3.17
N ALA B 217 13.85 8.83 -4.32
CA ALA B 217 14.87 9.84 -4.65
C ALA B 217 14.31 11.27 -4.73
N ALA B 218 13.02 11.39 -5.04
CA ALA B 218 12.35 12.70 -5.10
C ALA B 218 12.49 13.52 -3.81
N ASP B 219 12.40 12.83 -2.67
CA ASP B 219 12.50 13.51 -1.38
C ASP B 219 13.90 14.08 -1.12
N LYS B 220 14.91 13.50 -1.76
CA LYS B 220 16.28 14.04 -1.65
C LYS B 220 16.39 15.43 -2.29
N TRP B 221 15.78 15.61 -3.46
CA TRP B 221 15.71 16.94 -4.09
C TRP B 221 15.02 17.93 -3.17
N SER B 222 13.83 17.53 -2.66
CA SER B 222 13.04 18.39 -1.78
C SER B 222 13.79 18.79 -0.50
N PHE B 223 14.59 17.87 0.03
CA PHE B 223 15.41 18.14 1.21
C PHE B 223 16.42 19.25 0.92
N GLY B 224 17.00 19.23 -0.28
CA GLY B 224 17.90 20.30 -0.73
C GLY B 224 17.26 21.67 -0.68
N THR B 225 16.04 21.75 -1.20
CA THR B 225 15.29 23.02 -1.24
C THR B 225 14.88 23.46 0.17
N THR B 226 14.57 22.49 1.02
CA THR B 226 14.23 22.76 2.41
C THR B 226 15.43 23.32 3.17
N LEU B 227 16.62 22.77 2.94
CA LEU B 227 17.86 23.35 3.49
C LEU B 227 18.06 24.81 3.08
N TRP B 228 17.74 25.12 1.83
CA TRP B 228 17.80 26.49 1.30
C TRP B 228 16.89 27.40 2.12
N GLU B 229 15.64 26.98 2.33
CA GLU B 229 14.68 27.73 3.15
C GLU B 229 15.22 28.01 4.54
N ILE B 230 15.76 26.97 5.17
CA ILE B 230 16.34 27.06 6.52
C ILE B 230 17.50 28.04 6.53
N CYS B 231 18.40 27.91 5.55
CA CYS B 231 19.53 28.83 5.39
C CYS B 231 19.05 30.28 5.30
N TYR B 232 17.98 30.50 4.57
CA TYR B 232 17.47 31.85 4.36
C TYR B 232 16.23 32.22 5.19
N ASN B 233 16.19 31.68 6.42
CA ASN B 233 15.20 32.07 7.43
C ASN B 233 13.74 31.99 6.99
N GLY B 234 13.41 30.98 6.20
CA GLY B 234 12.05 30.77 5.73
C GLY B 234 11.67 31.54 4.48
N GLU B 235 12.62 32.27 3.88
CA GLU B 235 12.38 32.94 2.60
C GLU B 235 11.85 31.95 1.56
N ILE B 236 10.89 32.37 0.77
CA ILE B 236 10.31 31.52 -0.27
C ILE B 236 11.18 31.56 -1.53
N PRO B 237 11.73 30.40 -1.95
CA PRO B 237 12.50 30.38 -3.21
C PRO B 237 11.59 30.61 -4.41
N LEU B 238 12.08 31.40 -5.38
CA LEU B 238 11.34 31.73 -6.59
C LEU B 238 9.95 32.32 -6.29
N LYS B 239 9.87 33.13 -5.23
CA LYS B 239 8.62 33.71 -4.76
C LYS B 239 7.94 34.60 -5.81
N ASP B 240 8.75 35.36 -6.53
CA ASP B 240 8.25 36.32 -7.52
C ASP B 240 7.88 35.66 -8.85
N LYS B 241 8.25 34.39 -9.02
CA LYS B 241 8.12 33.74 -10.32
C LYS B 241 6.71 33.21 -10.57
N THR B 242 6.24 33.38 -11.81
CA THR B 242 4.98 32.80 -12.27
C THR B 242 5.20 31.33 -12.63
N LEU B 243 4.12 30.63 -12.96
CA LEU B 243 4.20 29.20 -13.32
C LEU B 243 5.02 28.98 -14.58
N ILE B 244 4.79 29.80 -15.61
CA ILE B 244 5.55 29.68 -16.85
C ILE B 244 7.06 29.92 -16.59
N GLU B 245 7.37 30.85 -15.69
CA GLU B 245 8.76 31.09 -15.30
C GLU B 245 9.35 29.89 -14.57
N LYS B 246 8.58 29.29 -13.67
CA LYS B 246 9.02 28.10 -12.92
C LYS B 246 9.24 26.91 -13.85
N GLU B 247 8.34 26.77 -14.82
CA GLU B 247 8.44 25.73 -15.85
C GLU B 247 9.72 25.90 -16.67
N ARG B 248 10.00 27.14 -17.06
CA ARG B 248 11.24 27.52 -17.78
C ARG B 248 12.48 27.22 -16.93
N PHE B 249 12.37 27.47 -15.63
CA PHE B 249 13.45 27.24 -14.66
C PHE B 249 13.99 25.81 -14.71
N TYR B 250 13.08 24.82 -14.70
CA TYR B 250 13.48 23.41 -14.81
C TYR B 250 13.85 23.03 -16.23
N GLU B 251 13.13 23.58 -17.21
CA GLU B 251 13.43 23.38 -18.62
C GLU B 251 14.90 23.71 -18.89
N SER B 252 15.37 24.81 -18.31
CA SER B 252 16.74 25.28 -18.51
C SER B 252 17.74 24.66 -17.54
N ARG B 253 17.26 23.72 -16.71
CA ARG B 253 18.10 22.96 -15.78
C ARG B 253 18.84 23.84 -14.76
N CYS B 254 18.12 24.80 -14.17
CA CYS B 254 18.68 25.72 -13.18
C CYS B 254 18.58 25.17 -11.76
N ARG B 255 19.34 25.80 -10.86
CA ARG B 255 19.27 25.48 -9.43
C ARG B 255 19.08 26.78 -8.63
N PRO B 256 18.27 26.73 -7.56
CA PRO B 256 18.12 27.88 -6.66
C PRO B 256 19.46 28.45 -6.22
N VAL B 257 19.53 29.78 -6.10
CA VAL B 257 20.77 30.49 -5.76
C VAL B 257 21.49 29.80 -4.60
N THR B 258 22.75 29.44 -4.82
CA THR B 258 23.54 28.71 -3.83
C THR B 258 24.09 29.66 -2.76
N PRO B 259 24.08 29.22 -1.48
CA PRO B 259 24.60 30.04 -0.38
C PRO B 259 26.11 30.31 -0.44
N SER B 260 26.57 31.27 0.36
CA SER B 260 27.98 31.67 0.40
C SER B 260 28.91 30.59 0.92
N CYS B 261 28.40 29.73 1.81
CA CYS B 261 29.17 28.60 2.33
C CYS B 261 29.30 27.52 1.26
N LYS B 262 30.53 27.31 0.80
CA LYS B 262 30.82 26.38 -0.30
C LYS B 262 30.47 24.93 0.02
N GLU B 263 30.84 24.47 1.22
CA GLU B 263 30.56 23.10 1.66
C GLU B 263 29.05 22.82 1.78
N LEU B 264 28.29 23.83 2.22
CA LEU B 264 26.83 23.73 2.29
C LEU B 264 26.21 23.73 0.89
N ALA B 265 26.67 24.65 0.05
CA ALA B 265 26.23 24.72 -1.34
C ALA B 265 26.45 23.38 -2.06
N ASP B 266 27.62 22.78 -1.84
CA ASP B 266 27.98 21.50 -2.45
C ASP B 266 27.08 20.34 -1.99
N LEU B 267 26.64 20.37 -0.73
CA LEU B 267 25.69 19.36 -0.24
C LEU B 267 24.31 19.53 -0.90
N MET B 268 23.82 20.76 -0.96
CA MET B 268 22.55 21.07 -1.62
C MET B 268 22.55 20.65 -3.08
N THR B 269 23.66 20.91 -3.76
CA THR B 269 23.82 20.56 -5.17
C THR B 269 23.74 19.04 -5.39
N ARG B 270 24.41 18.28 -4.52
CA ARG B 270 24.38 16.81 -4.58
C ARG B 270 22.97 16.25 -4.37
N CYS B 271 22.24 16.82 -3.41
CA CYS B 271 20.83 16.49 -3.21
C CYS B 271 19.98 16.93 -4.42
N MET B 272 20.31 18.08 -4.97
CA MET B 272 19.51 18.64 -6.07
C MET B 272 20.13 18.33 -7.43
N ASN B 273 20.33 17.04 -7.66
CA ASN B 273 20.81 16.53 -8.93
C ASN B 273 19.62 16.24 -9.83
N TYR B 274 19.68 16.72 -11.07
CA TYR B 274 18.60 16.47 -12.03
C TYR B 274 18.44 14.98 -12.33
N ASP B 275 19.53 14.23 -12.19
CA ASP B 275 19.50 12.77 -12.30
C ASP B 275 19.21 12.17 -10.93
N PRO B 276 18.00 11.59 -10.75
CA PRO B 276 17.61 11.07 -9.43
C PRO B 276 18.48 9.92 -8.95
N ASN B 277 19.03 9.14 -9.88
CA ASN B 277 19.91 8.02 -9.56
C ASN B 277 21.19 8.45 -8.84
N GLN B 278 21.61 9.70 -9.08
CA GLN B 278 22.86 10.26 -8.54
C GLN B 278 22.70 10.95 -7.19
N ARG B 279 21.46 11.09 -6.72
CA ARG B 279 21.21 11.70 -5.41
C ARG B 279 21.67 10.76 -4.29
N PRO B 280 22.29 11.32 -3.23
CA PRO B 280 22.86 10.49 -2.17
C PRO B 280 21.81 9.96 -1.21
N PHE B 281 22.09 8.83 -0.58
CA PHE B 281 21.17 8.28 0.41
C PHE B 281 21.34 9.04 1.72
N PHE B 282 20.35 8.94 2.60
CA PHE B 282 20.35 9.78 3.79
C PHE B 282 21.43 9.48 4.81
N ARG B 283 21.96 8.25 4.79
CA ARG B 283 23.13 7.91 5.60
C ARG B 283 24.29 8.86 5.26
N ALA B 284 24.52 9.05 3.95
CA ALA B 284 25.57 9.94 3.48
C ALA B 284 25.25 11.40 3.76
N ILE B 285 23.99 11.79 3.58
CA ILE B 285 23.55 13.15 3.84
C ILE B 285 23.79 13.55 5.30
N MET B 286 23.40 12.67 6.22
CA MET B 286 23.59 12.90 7.66
CA MET B 286 23.58 12.91 7.66
C MET B 286 25.07 13.04 8.03
N ARG B 287 25.90 12.18 7.43
CA ARG B 287 27.34 12.22 7.62
C ARG B 287 27.92 13.55 7.13
N ASP B 288 27.40 14.05 6.00
CA ASP B 288 27.81 15.34 5.46
C ASP B 288 27.40 16.54 6.32
N ILE B 289 26.20 16.47 6.92
CA ILE B 289 25.72 17.52 7.82
C ILE B 289 26.60 17.59 9.07
N ASN B 290 26.95 16.43 9.62
CA ASN B 290 27.88 16.35 10.75
C ASN B 290 29.25 16.96 10.44
N LYS B 291 29.79 16.65 9.27
CA LYS B 291 31.08 17.19 8.80
C LYS B 291 31.02 18.70 8.59
N LEU B 292 29.89 19.18 8.08
CA LEU B 292 29.65 20.61 7.90
C LEU B 292 29.56 21.31 9.26
N GLU B 293 28.95 20.62 10.22
CA GLU B 293 28.92 21.07 11.59
C GLU B 293 30.26 20.73 12.27
#